data_4ILQ
#
_entry.id   4ILQ
#
_cell.length_a   116.351
_cell.length_b   116.351
_cell.length_c   84.112
_cell.angle_alpha   90.00
_cell.angle_beta   90.00
_cell.angle_gamma   120.00
#
_symmetry.space_group_name_H-M   'P 65 2 2'
#
loop_
_entity.id
_entity.type
_entity.pdbx_description
1 polymer CT771
2 non-polymer 'SULFATE ION'
3 non-polymer GLYCEROL
4 water water
#
_entity_poly.entity_id   1
_entity_poly.type   'polypeptide(L)'
_entity_poly.pdbx_seq_one_letter_code
;SNAMMKTKHEYSFGVIPIRFFGTPDRSTLKACFICHTDGKHWGFPKGHAEEKEGPQEAAERELVEETGLGIVNFFPKIFV
ENYSFNDKEEIFVRKEVTYFLAEVKGEVHADPDEICDVQWLSFQEGLRLLNFPEIRNIVTEADKFVQSYLFAS
;
_entity_poly.pdbx_strand_id   A
#
# COMPACT_ATOMS: atom_id res chain seq x y z
N THR A 7 8.51 22.47 -8.62
CA THR A 7 8.27 23.69 -7.85
C THR A 7 7.69 23.37 -6.48
N LYS A 8 6.79 22.40 -6.37
CA LYS A 8 6.31 21.96 -5.07
C LYS A 8 6.55 20.46 -4.95
N HIS A 9 7.23 20.04 -3.87
CA HIS A 9 7.58 18.64 -3.66
C HIS A 9 6.78 18.07 -2.51
N GLU A 10 6.20 16.89 -2.74
CA GLU A 10 5.42 16.17 -1.74
C GLU A 10 6.03 14.78 -1.54
N TYR A 11 5.96 14.27 -0.30
CA TYR A 11 6.51 12.95 0.03
C TYR A 11 5.52 12.17 0.89
N SER A 12 5.24 10.94 0.49
CA SER A 12 4.31 10.10 1.23
C SER A 12 4.90 8.72 1.53
N PHE A 13 4.37 8.11 2.59
CA PHE A 13 4.89 6.85 3.06
C PHE A 13 3.70 5.95 3.38
N GLY A 14 3.79 4.68 2.96
CA GLY A 14 2.68 3.75 3.06
C GLY A 14 3.15 2.32 3.31
N VAL A 15 2.19 1.44 3.60
CA VAL A 15 2.50 0.04 3.81
C VAL A 15 1.66 -0.75 2.83
N ILE A 16 2.26 -1.73 2.18
CA ILE A 16 1.53 -2.77 1.47
C ILE A 16 1.20 -3.86 2.47
N PRO A 17 -0.03 -3.98 2.94
CA PRO A 17 -0.33 -4.95 4.00
C PRO A 17 -0.68 -6.30 3.42
N ILE A 18 0.03 -7.35 3.82
CA ILE A 18 -0.24 -8.68 3.32
C ILE A 18 -0.42 -9.63 4.49
N ARG A 19 -1.14 -10.71 4.21
CA ARG A 19 -1.26 -11.90 5.04
C ARG A 19 -1.33 -13.11 4.12
N PHE A 20 -1.02 -14.27 4.67
CA PHE A 20 -1.14 -15.53 3.97
C PHE A 20 -2.43 -16.20 4.41
N PHE A 21 -3.26 -16.57 3.45
CA PHE A 21 -4.56 -17.18 3.74
C PHE A 21 -4.56 -18.60 3.22
N GLY A 22 -5.02 -19.51 4.07
CA GLY A 22 -5.25 -20.87 3.64
C GLY A 22 -4.75 -21.90 4.63
N THR A 23 -3.86 -22.76 4.16
CA THR A 23 -3.41 -23.93 4.90
C THR A 23 -2.03 -24.27 4.39
N PRO A 24 -1.26 -25.04 5.15
CA PRO A 24 -0.01 -25.62 4.60
C PRO A 24 -0.19 -26.36 3.26
N ASP A 25 -1.32 -27.04 3.06
CA ASP A 25 -1.60 -27.60 1.74
C ASP A 25 -1.77 -26.53 0.68
N ARG A 26 -2.61 -25.54 0.94
CA ARG A 26 -2.90 -24.52 -0.07
C ARG A 26 -2.97 -23.16 0.60
N SER A 27 -2.15 -22.23 0.14
CA SER A 27 -2.22 -20.92 0.70
C SER A 27 -1.91 -19.90 -0.38
N THR A 28 -2.41 -18.70 -0.17
CA THR A 28 -2.28 -17.60 -1.11
C THR A 28 -1.86 -16.37 -0.33
N LEU A 29 -0.88 -15.66 -0.88
CA LEU A 29 -0.41 -14.39 -0.34
C LEU A 29 -1.23 -13.28 -0.97
N LYS A 30 -1.99 -12.55 -0.13
CA LYS A 30 -2.90 -11.47 -0.52
C LYS A 30 -2.56 -10.16 0.19
N ALA A 31 -2.76 -9.06 -0.51
CA ALA A 31 -2.52 -7.72 0.00
C ALA A 31 -3.86 -7.03 0.22
N CYS A 32 -3.87 -6.05 1.14
CA CYS A 32 -5.08 -5.32 1.47
C CYS A 32 -5.20 -4.11 0.56
N PHE A 33 -6.12 -4.18 -0.41
CA PHE A 33 -6.37 -3.11 -1.36
C PHE A 33 -7.50 -2.25 -0.84
N ILE A 34 -7.27 -0.95 -0.77
CA ILE A 34 -8.26 -0.04 -0.23
C ILE A 34 -8.76 0.90 -1.31
N CYS A 35 -10.07 1.09 -1.34
CA CYS A 35 -10.71 2.03 -2.23
C CYS A 35 -10.98 3.32 -1.48
N HIS A 36 -10.50 4.44 -2.00
CA HIS A 36 -10.61 5.73 -1.33
C HIS A 36 -11.72 6.56 -1.97
N THR A 37 -12.76 6.88 -1.20
CA THR A 37 -13.80 7.80 -1.68
C THR A 37 -13.22 9.08 -2.27
N ASP A 38 -11.99 9.46 -1.88
CA ASP A 38 -11.25 10.51 -2.56
C ASP A 38 -11.12 10.21 -4.05
N GLY A 39 -12.19 10.43 -4.82
CA GLY A 39 -12.16 10.26 -6.26
C GLY A 39 -12.27 8.84 -6.78
N LYS A 40 -12.44 7.85 -5.91
CA LYS A 40 -12.70 6.47 -6.34
C LYS A 40 -11.50 5.85 -7.05
N HIS A 41 -10.50 5.40 -6.30
CA HIS A 41 -9.36 4.69 -6.88
C HIS A 41 -8.70 3.83 -5.80
N TRP A 42 -8.05 2.75 -6.25
CA TRP A 42 -7.40 1.80 -5.35
C TRP A 42 -6.03 2.30 -4.93
N GLY A 43 -5.71 2.10 -3.67
CA GLY A 43 -4.38 2.38 -3.18
C GLY A 43 -4.06 1.62 -1.91
N PHE A 44 -2.91 1.95 -1.30
CA PHE A 44 -2.55 1.35 -0.01
C PHE A 44 -2.47 2.42 1.06
N PRO A 45 -2.60 2.05 2.34
CA PRO A 45 -2.55 3.07 3.37
C PRO A 45 -1.22 3.79 3.27
N LYS A 46 -1.29 5.12 3.21
CA LYS A 46 -0.13 5.97 2.96
C LYS A 46 -0.47 7.38 3.44
N GLY A 47 0.56 8.18 3.72
CA GLY A 47 0.32 9.56 4.10
C GLY A 47 1.62 10.30 4.34
N HIS A 48 1.50 11.57 4.73
CA HIS A 48 2.68 12.37 4.97
C HIS A 48 3.28 12.02 6.31
N ALA A 49 4.60 12.18 6.41
CA ALA A 49 5.29 12.05 7.68
C ALA A 49 5.00 13.28 8.53
N GLU A 50 4.72 13.07 9.79
CA GLU A 50 4.65 14.20 10.69
C GLU A 50 6.07 14.62 11.02
N GLU A 51 6.25 15.91 11.28
CA GLU A 51 7.60 16.40 11.48
C GLU A 51 8.39 15.49 12.42
N LYS A 52 9.62 15.19 12.02
CA LYS A 52 10.58 14.46 12.84
C LYS A 52 10.36 12.96 12.80
N GLU A 53 9.39 12.51 12.02
CA GLU A 53 8.95 11.13 12.05
C GLU A 53 9.64 10.40 10.90
N GLY A 54 10.25 9.26 11.20
CA GLY A 54 10.89 8.47 10.18
C GLY A 54 9.90 7.97 9.16
N PRO A 55 10.35 7.75 7.92
CA PRO A 55 9.45 7.16 6.90
C PRO A 55 8.72 5.90 7.36
N GLN A 56 9.39 5.00 8.07
CA GLN A 56 8.75 3.77 8.46
C GLN A 56 7.72 4.02 9.56
N GLU A 57 8.02 4.90 10.48
CA GLU A 57 7.04 5.20 11.50
C GLU A 57 5.81 5.83 10.88
N ALA A 58 6.02 6.73 9.93
CA ALA A 58 4.90 7.32 9.23
C ALA A 58 4.08 6.24 8.55
N ALA A 59 4.75 5.26 7.96
CA ALA A 59 4.00 4.25 7.24
C ALA A 59 3.18 3.40 8.22
N GLU A 60 3.78 3.00 9.32
CA GLU A 60 3.05 2.22 10.30
C GLU A 60 1.88 3.03 10.86
N ARG A 61 2.12 4.30 11.17
CA ARG A 61 1.04 5.12 11.71
C ARG A 61 -0.13 5.20 10.73
N GLU A 62 0.14 5.46 9.45
CA GLU A 62 -0.96 5.62 8.51
C GLU A 62 -1.76 4.32 8.40
N LEU A 63 -1.07 3.21 8.22
CA LEU A 63 -1.72 1.90 8.21
C LEU A 63 -2.73 1.78 9.35
N VAL A 64 -2.23 2.03 10.56
CA VAL A 64 -3.04 1.90 11.75
C VAL A 64 -4.23 2.85 11.69
N GLU A 65 -3.98 4.11 11.38
CA GLU A 65 -5.07 5.07 11.32
C GLU A 65 -6.12 4.65 10.28
N GLU A 66 -5.67 4.20 9.11
CA GLU A 66 -6.66 3.92 8.08
C GLU A 66 -7.38 2.59 8.33
N THR A 67 -6.71 1.59 8.90
CA THR A 67 -7.28 0.25 8.89
C THR A 67 -7.35 -0.45 10.24
N GLY A 68 -6.67 0.01 11.28
CA GLY A 68 -6.65 -0.75 12.51
C GLY A 68 -5.79 -2.00 12.46
N LEU A 69 -5.15 -2.29 11.33
CA LEU A 69 -4.23 -3.41 11.31
C LEU A 69 -3.00 -3.09 12.14
N GLY A 70 -2.33 -4.14 12.59
CA GLY A 70 -1.03 -4.02 13.22
C GLY A 70 0.02 -4.76 12.42
N ILE A 71 1.25 -4.32 12.55
CA ILE A 71 2.38 -4.95 11.88
C ILE A 71 2.76 -6.24 12.61
N VAL A 72 2.90 -7.32 11.88
CA VAL A 72 3.60 -8.46 12.46
C VAL A 72 5.10 -8.30 12.22
N ASN A 73 5.51 -8.17 10.96
CA ASN A 73 6.91 -7.96 10.60
C ASN A 73 6.97 -7.26 9.27
N PHE A 74 8.04 -6.49 9.08
CA PHE A 74 8.35 -5.86 7.82
C PHE A 74 9.24 -6.80 7.03
N PHE A 75 9.04 -6.82 5.72
CA PHE A 75 10.03 -7.42 4.82
C PHE A 75 11.15 -6.43 4.55
N PRO A 76 12.35 -6.92 4.15
CA PRO A 76 13.51 -6.03 3.89
C PRO A 76 13.45 -5.44 2.48
N LYS A 77 12.49 -4.56 2.24
CA LYS A 77 12.30 -4.15 0.87
C LYS A 77 11.38 -2.96 0.87
N ILE A 78 11.63 -2.01 -0.01
CA ILE A 78 10.73 -0.89 -0.20
C ILE A 78 10.50 -0.73 -1.70
N PHE A 79 9.41 -0.03 -2.01
CA PHE A 79 9.09 0.29 -3.40
C PHE A 79 8.78 1.77 -3.51
N VAL A 80 9.15 2.37 -4.65
CA VAL A 80 9.02 3.81 -4.84
C VAL A 80 8.36 4.10 -6.18
N GLU A 81 7.43 5.04 -6.18
CA GLU A 81 6.87 5.53 -7.41
C GLU A 81 6.93 7.06 -7.39
N ASN A 82 7.09 7.67 -8.57
CA ASN A 82 7.15 9.12 -8.69
C ASN A 82 6.09 9.60 -9.68
N TYR A 83 5.47 10.74 -9.38
CA TYR A 83 4.45 11.33 -10.23
C TYR A 83 4.62 12.85 -10.23
N SER A 84 4.03 13.46 -11.25
CA SER A 84 4.04 14.89 -11.45
C SER A 84 2.65 15.29 -11.93
N PHE A 85 2.12 16.38 -11.39
CA PHE A 85 0.74 16.79 -11.71
C PHE A 85 0.53 18.23 -11.25
N ASN A 86 -0.69 18.74 -11.48
CA ASN A 86 -1.11 20.09 -11.13
C ASN A 86 -2.30 20.08 -10.19
N ASP A 87 -2.31 20.98 -9.20
CA ASP A 87 -3.38 21.08 -8.22
C ASP A 87 -4.06 22.44 -8.26
N LYS A 88 -4.95 22.65 -7.28
CA LYS A 88 -5.86 23.78 -7.22
C LYS A 88 -5.35 25.02 -7.93
N GLU A 89 -4.21 25.55 -7.50
CA GLU A 89 -3.68 26.79 -8.06
C GLU A 89 -2.80 26.55 -9.28
N GLU A 90 -3.09 25.53 -10.09
CA GLU A 90 -2.23 25.19 -11.22
C GLU A 90 -0.76 25.15 -10.79
N ILE A 91 -0.50 24.76 -9.54
CA ILE A 91 0.86 24.60 -9.06
C ILE A 91 1.38 23.24 -9.48
N PHE A 92 2.69 23.17 -9.73
CA PHE A 92 3.31 21.94 -10.23
C PHE A 92 3.87 21.12 -9.07
N VAL A 93 3.36 19.91 -8.91
CA VAL A 93 3.67 19.05 -7.78
C VAL A 93 4.44 17.84 -8.28
N ARG A 94 5.70 17.74 -7.90
CA ARG A 94 6.44 16.49 -8.04
C ARG A 94 6.24 15.70 -6.75
N LYS A 95 5.64 14.50 -6.86
CA LYS A 95 5.28 13.68 -5.70
C LYS A 95 5.99 12.33 -5.72
N GLU A 96 6.52 11.92 -4.57
CA GLU A 96 7.23 10.65 -4.46
C GLU A 96 6.59 9.85 -3.35
N VAL A 97 6.30 8.58 -3.60
CA VAL A 97 5.60 7.74 -2.64
C VAL A 97 6.44 6.51 -2.37
N THR A 98 6.65 6.22 -1.09
CA THR A 98 7.49 5.12 -0.71
C THR A 98 6.63 4.11 0.02
N TYR A 99 6.62 2.88 -0.49
CA TYR A 99 5.86 1.80 0.13
C TYR A 99 6.79 0.80 0.81
N PHE A 100 6.54 0.57 2.09
CA PHE A 100 7.05 -0.60 2.80
C PHE A 100 6.13 -1.80 2.54
N LEU A 101 6.60 -2.98 2.95
CA LEU A 101 5.86 -4.24 2.78
C LEU A 101 5.84 -4.98 4.11
N ALA A 102 4.66 -5.35 4.60
CA ALA A 102 4.59 -5.89 5.96
C ALA A 102 3.54 -6.96 6.09
N GLU A 103 3.92 -8.05 6.72
CA GLU A 103 2.90 -9.00 7.13
C GLU A 103 2.16 -8.37 8.30
N VAL A 104 0.85 -8.57 8.32
CA VAL A 104 -0.03 -7.76 9.13
C VAL A 104 -0.96 -8.68 9.90
N LYS A 105 -1.43 -8.24 11.06
CA LYS A 105 -2.39 -9.00 11.87
C LYS A 105 -3.60 -8.13 12.19
N GLY A 106 -4.64 -8.76 12.76
CA GLY A 106 -5.89 -8.07 13.07
C GLY A 106 -6.82 -8.04 11.87
N GLU A 107 -8.03 -7.53 12.08
CA GLU A 107 -8.99 -7.30 11.00
C GLU A 107 -9.27 -5.82 10.80
N VAL A 108 -9.83 -5.53 9.66
CA VAL A 108 -9.94 -4.15 9.19
C VAL A 108 -11.09 -3.43 9.88
N HIS A 109 -10.85 -2.18 10.26
CA HIS A 109 -11.88 -1.27 10.73
C HIS A 109 -11.74 0.02 9.92
N ALA A 110 -12.54 0.15 8.87
CA ALA A 110 -12.45 1.30 8.00
C ALA A 110 -13.56 2.29 8.32
N ASP A 111 -13.28 3.57 8.11
CA ASP A 111 -14.29 4.59 8.22
C ASP A 111 -15.04 4.68 6.90
N PRO A 112 -16.37 4.46 6.89
CA PRO A 112 -17.13 4.55 5.64
C PRO A 112 -17.01 5.89 4.92
N ASP A 113 -16.60 6.95 5.61
CA ASP A 113 -16.43 8.24 4.95
C ASP A 113 -15.17 8.26 4.09
N GLU A 114 -14.05 7.78 4.63
CA GLU A 114 -12.82 7.76 3.84
C GLU A 114 -12.82 6.60 2.86
N ILE A 115 -13.27 5.43 3.29
CA ILE A 115 -12.98 4.17 2.62
C ILE A 115 -14.27 3.62 2.04
N CYS A 116 -14.25 3.32 0.73
CA CYS A 116 -15.42 2.74 0.07
C CYS A 116 -15.40 1.21 0.04
N ASP A 117 -14.22 0.59 0.06
CA ASP A 117 -14.19 -0.86 -0.04
C ASP A 117 -12.81 -1.36 0.33
N VAL A 118 -12.78 -2.61 0.77
CA VAL A 118 -11.57 -3.29 1.22
C VAL A 118 -11.52 -4.65 0.54
N GLN A 119 -10.46 -4.92 -0.20
CA GLN A 119 -10.38 -6.15 -1.01
C GLN A 119 -9.03 -6.79 -0.82
N TRP A 120 -9.03 -7.98 -0.25
CA TRP A 120 -7.83 -8.80 -0.14
C TRP A 120 -7.67 -9.57 -1.42
N LEU A 121 -6.63 -9.27 -2.19
CA LEU A 121 -6.33 -10.05 -3.37
C LEU A 121 -4.82 -10.28 -3.46
N SER A 122 -4.46 -11.43 -4.03
CA SER A 122 -3.09 -11.62 -4.49
C SER A 122 -2.71 -10.50 -5.44
N PHE A 123 -1.41 -10.28 -5.61
CA PHE A 123 -0.98 -9.25 -6.53
C PHE A 123 -1.42 -9.56 -7.95
N GLN A 124 -1.41 -10.84 -8.31
CA GLN A 124 -1.86 -11.20 -9.63
C GLN A 124 -3.37 -11.03 -9.76
N GLU A 125 -4.10 -11.47 -8.74
CA GLU A 125 -5.51 -11.15 -8.73
C GLU A 125 -5.72 -9.66 -8.90
N GLY A 126 -4.92 -8.85 -8.19
CA GLY A 126 -5.11 -7.41 -8.28
C GLY A 126 -4.79 -6.92 -9.68
N LEU A 127 -3.68 -7.38 -10.23
CA LEU A 127 -3.32 -6.97 -11.59
C LEU A 127 -4.42 -7.32 -12.57
N ARG A 128 -4.95 -8.55 -12.48
CA ARG A 128 -5.98 -9.00 -13.41
C ARG A 128 -7.29 -8.23 -13.22
N LEU A 129 -7.66 -7.93 -11.98
CA LEU A 129 -9.04 -7.56 -11.68
C LEU A 129 -9.27 -6.09 -11.39
N LEU A 130 -8.23 -5.33 -11.06
CA LEU A 130 -8.40 -3.97 -10.57
C LEU A 130 -7.68 -2.98 -11.47
N ASN A 131 -8.25 -1.79 -11.50
CA ASN A 131 -7.68 -0.64 -12.20
C ASN A 131 -7.05 0.26 -11.14
N PHE A 132 -5.72 0.39 -11.17
CA PHE A 132 -5.00 1.16 -10.15
C PHE A 132 -3.72 1.73 -10.75
N PRO A 133 -3.85 2.73 -11.63
CA PRO A 133 -2.64 3.27 -12.26
C PRO A 133 -1.64 3.80 -11.27
N GLU A 134 -2.09 4.35 -10.15
CA GLU A 134 -1.15 4.89 -9.19
C GLU A 134 -0.14 3.83 -8.76
N ILE A 135 -0.51 2.54 -8.82
CA ILE A 135 0.25 1.53 -8.12
C ILE A 135 0.58 0.32 -8.96
N ARG A 136 0.18 0.28 -10.23
CA ARG A 136 0.38 -0.93 -11.02
C ARG A 136 1.84 -1.35 -10.98
N ASN A 137 2.76 -0.41 -11.24
CA ASN A 137 4.18 -0.71 -11.15
C ASN A 137 4.55 -1.24 -9.77
N ILE A 138 4.03 -0.63 -8.71
CA ILE A 138 4.36 -1.08 -7.36
C ILE A 138 3.92 -2.53 -7.19
N VAL A 139 2.67 -2.84 -7.59
CA VAL A 139 2.13 -4.19 -7.44
C VAL A 139 2.91 -5.19 -8.27
N THR A 140 3.27 -4.81 -9.50
CA THR A 140 4.10 -5.69 -10.31
C THR A 140 5.41 -5.98 -9.60
N GLU A 141 6.11 -4.95 -9.13
CA GLU A 141 7.40 -5.19 -8.47
C GLU A 141 7.23 -6.03 -7.23
N ALA A 142 6.18 -5.78 -6.44
CA ALA A 142 6.01 -6.53 -5.20
C ALA A 142 5.81 -8.00 -5.47
N ASP A 143 5.05 -8.33 -6.52
CA ASP A 143 4.80 -9.72 -6.85
C ASP A 143 6.10 -10.39 -7.25
N LYS A 144 6.93 -9.68 -7.99
CA LYS A 144 8.21 -10.25 -8.38
C LYS A 144 9.07 -10.48 -7.16
N PHE A 145 9.02 -9.53 -6.21
CA PHE A 145 9.87 -9.62 -5.04
C PHE A 145 9.51 -10.83 -4.18
N VAL A 146 8.24 -10.92 -3.78
CA VAL A 146 7.86 -12.00 -2.87
C VAL A 146 8.02 -13.35 -3.54
N GLN A 147 8.03 -13.39 -4.87
CA GLN A 147 8.20 -14.68 -5.54
C GLN A 147 9.62 -15.22 -5.35
N SER A 148 10.64 -14.37 -5.54
CA SER A 148 12.02 -14.83 -5.30
C SER A 148 12.34 -14.87 -3.82
N TYR A 149 11.78 -13.97 -3.04
CA TYR A 149 12.18 -13.92 -1.64
C TYR A 149 11.60 -15.07 -0.86
N LEU A 150 10.37 -15.48 -1.16
CA LEU A 150 9.67 -16.43 -0.31
C LEU A 150 9.51 -17.82 -0.89
N PHE A 151 9.76 -18.05 -2.19
CA PHE A 151 9.37 -19.34 -2.77
C PHE A 151 10.55 -20.04 -3.42
N ALA A 152 10.45 -21.36 -3.34
CA ALA A 152 11.56 -22.29 -3.55
C ALA A 152 12.51 -21.87 -4.68
N SER A 153 13.80 -21.77 -4.31
CA SER A 153 14.97 -21.91 -5.20
C SER A 153 16.21 -21.23 -4.58
#